data_7T7Y
#
_entry.id   7T7Y
#
_cell.length_a   36.788
_cell.length_b   47.267
_cell.length_c   79.344
_cell.angle_alpha   90.000
_cell.angle_beta   90.000
_cell.angle_gamma   90.000
#
_symmetry.space_group_name_H-M   'P 2 21 21'
#
loop_
_entity.id
_entity.type
_entity.pdbx_description
1 polymer Endoglucanase
2 non-polymer 'IODIDE ION'
3 water water
#
_entity_poly.entity_id   1
_entity_poly.type   'polypeptide(L)'
_entity_poly.pdbx_seq_one_letter_code
;GAMGESLSIYKSGLKNDFQDWSWGEHSLTDTTNVESGETNSISFTPKAYGAVFLGCFECIDTDTYNNIEFDINGGSSGAQ
LLRITVVKNSKSVGSKLITDLNGGTPIEANSWTKIKASFIDDFKVSGKVDGIWIQDIKGDTQSTVYISNIIATA
;
_entity_poly.pdbx_strand_id   A
#
loop_
_chem_comp.id
_chem_comp.type
_chem_comp.name
_chem_comp.formula
IOD non-polymer 'IODIDE ION' 'I -1'
#
# COMPACT_ATOMS: atom_id res chain seq x y z
N GLY A 1 2.35 25.80 1.22
CA GLY A 1 1.45 26.72 1.87
C GLY A 1 0.12 26.06 2.21
N ALA A 2 -0.93 26.47 1.49
CA ALA A 2 -2.26 25.90 1.73
C ALA A 2 -2.46 24.57 1.00
N MET A 3 -1.56 24.19 0.11
CA MET A 3 -1.58 22.85 -0.46
C MET A 3 -1.37 21.80 0.62
N GLY A 4 -2.23 20.79 0.64
CA GLY A 4 -2.15 19.78 1.67
C GLY A 4 -0.83 19.02 1.64
N GLU A 5 -0.40 18.58 2.82
CA GLU A 5 0.86 17.87 2.98
C GLU A 5 0.81 16.49 2.33
N SER A 6 1.97 16.02 1.88
CA SER A 6 2.13 14.64 1.46
C SER A 6 3.47 14.10 1.95
N LEU A 7 3.50 12.78 2.22
CA LEU A 7 4.68 12.08 2.73
C LEU A 7 4.94 10.84 1.89
N SER A 8 5.97 10.85 1.05
CA SER A 8 6.24 9.68 0.24
CA SER A 8 6.30 9.70 0.24
C SER A 8 6.80 8.54 1.09
N ILE A 9 6.27 7.35 0.85
CA ILE A 9 6.73 6.13 1.50
C ILE A 9 7.52 5.25 0.53
N TYR A 10 7.06 5.11 -0.71
CA TYR A 10 7.83 4.43 -1.76
C TYR A 10 7.61 5.16 -3.06
N LYS A 11 8.70 5.64 -3.67
CA LYS A 11 8.69 6.34 -4.96
C LYS A 11 9.96 5.82 -5.64
N SER A 12 9.84 4.75 -6.40
CA SER A 12 11.00 4.04 -6.97
C SER A 12 12.03 3.70 -5.90
N GLY A 13 11.56 3.38 -4.70
CA GLY A 13 12.42 3.05 -3.58
C GLY A 13 11.86 3.64 -2.30
N LEU A 14 12.24 3.03 -1.17
CA LEU A 14 11.78 3.50 0.13
C LEU A 14 12.22 4.93 0.41
N LYS A 15 11.30 5.72 0.98
CA LYS A 15 11.56 7.11 1.30
C LYS A 15 11.19 7.39 2.75
N ASN A 16 11.76 8.48 3.27
CA ASN A 16 11.36 9.07 4.55
C ASN A 16 11.49 8.10 5.71
N ASP A 17 12.52 7.24 5.64
CA ASP A 17 12.88 6.30 6.70
C ASP A 17 11.93 5.11 6.79
N PHE A 18 11.02 4.94 5.84
CA PHE A 18 10.16 3.75 5.94
C PHE A 18 10.98 2.49 5.71
N GLN A 19 10.54 1.41 6.35
CA GLN A 19 11.31 0.19 6.43
C GLN A 19 10.50 -0.95 5.83
N ASP A 20 11.20 -1.89 5.19
CA ASP A 20 10.57 -3.06 4.59
C ASP A 20 10.45 -4.17 5.63
N TRP A 21 9.27 -4.30 6.24
CA TRP A 21 9.02 -5.38 7.20
C TRP A 21 8.22 -6.51 6.59
N SER A 22 8.24 -6.65 5.26
CA SER A 22 7.41 -7.59 4.53
C SER A 22 7.79 -9.02 4.86
N TRP A 23 6.79 -9.90 4.88
CA TRP A 23 7.07 -11.31 5.04
C TRP A 23 6.66 -12.13 3.82
N GLY A 24 5.98 -11.54 2.84
CA GLY A 24 5.70 -12.25 1.60
C GLY A 24 6.84 -12.11 0.56
N GLU A 25 6.68 -12.83 -0.55
CA GLU A 25 7.67 -12.81 -1.62
C GLU A 25 7.50 -11.53 -2.44
N HIS A 26 8.56 -10.76 -2.56
CA HIS A 26 8.45 -9.45 -3.22
C HIS A 26 9.84 -8.94 -3.54
N SER A 27 9.87 -7.87 -4.35
CA SER A 27 11.07 -7.13 -4.69
C SER A 27 10.72 -5.65 -4.62
N LEU A 28 11.62 -4.86 -4.04
CA LEU A 28 11.44 -3.42 -4.03
C LEU A 28 12.03 -2.76 -5.27
N THR A 29 12.59 -3.54 -6.20
CA THR A 29 13.26 -3.00 -7.37
C THR A 29 12.81 -3.73 -8.63
N ASP A 30 11.52 -4.05 -8.73
CA ASP A 30 11.02 -4.64 -9.96
C ASP A 30 11.16 -3.64 -11.09
N THR A 31 11.76 -4.07 -12.19
CA THR A 31 11.88 -3.21 -13.36
C THR A 31 11.03 -3.70 -14.54
N THR A 32 10.17 -4.72 -14.35
CA THR A 32 9.37 -5.18 -15.48
C THR A 32 8.01 -4.50 -15.61
N ASN A 33 7.49 -3.90 -14.56
CA ASN A 33 6.23 -3.18 -14.73
C ASN A 33 6.35 -1.93 -13.88
N VAL A 34 6.68 -0.81 -14.53
CA VAL A 34 7.01 0.45 -13.85
C VAL A 34 6.11 1.53 -14.42
N GLU A 35 5.66 2.45 -13.57
CA GLU A 35 4.86 3.54 -14.10
C GLU A 35 5.75 4.44 -14.92
N SER A 36 5.14 5.19 -15.83
CA SER A 36 5.90 6.15 -16.60
C SER A 36 6.48 7.18 -15.63
N GLY A 37 7.74 7.54 -15.82
CA GLY A 37 8.34 8.51 -14.92
C GLY A 37 8.95 7.95 -13.65
N GLU A 38 8.73 6.66 -13.35
CA GLU A 38 9.40 5.96 -12.26
C GLU A 38 10.43 5.00 -12.83
N THR A 39 11.29 4.46 -11.96
CA THR A 39 12.33 3.52 -12.38
C THR A 39 12.14 2.12 -11.81
N ASN A 40 11.33 1.95 -10.77
CA ASN A 40 11.14 0.69 -10.07
C ASN A 40 9.73 0.65 -9.52
N SER A 41 9.21 -0.56 -9.35
CA SER A 41 8.01 -0.81 -8.54
C SER A 41 8.32 -1.88 -7.50
N ILE A 42 7.45 -2.01 -6.49
CA ILE A 42 7.41 -3.21 -5.66
C ILE A 42 6.62 -4.28 -6.42
N SER A 43 7.25 -5.42 -6.71
CA SER A 43 6.47 -6.56 -7.19
C SER A 43 6.16 -7.48 -6.01
N PHE A 44 4.99 -8.09 -6.06
CA PHE A 44 4.48 -8.89 -4.96
C PHE A 44 3.59 -9.99 -5.55
N THR A 45 3.98 -11.26 -5.33
CA THR A 45 3.18 -12.41 -5.78
C THR A 45 2.33 -12.84 -4.59
N PRO A 46 1.05 -12.51 -4.54
CA PRO A 46 0.29 -12.77 -3.32
C PRO A 46 0.11 -14.27 -3.18
N LYS A 47 0.62 -14.82 -2.08
CA LYS A 47 0.43 -16.24 -1.80
C LYS A 47 0.72 -16.52 -0.34
N ALA A 48 0.17 -17.62 0.15
CA ALA A 48 0.37 -18.10 1.52
C ALA A 48 0.18 -17.01 2.58
N TYR A 49 -0.67 -16.04 2.28
CA TYR A 49 -0.98 -14.95 3.21
C TYR A 49 0.25 -14.12 3.50
N GLY A 50 1.21 -14.07 2.58
CA GLY A 50 2.29 -13.12 2.69
C GLY A 50 1.78 -11.70 2.53
N ALA A 51 2.63 -10.72 2.89
CA ALA A 51 2.28 -9.33 2.70
C ALA A 51 3.53 -8.47 2.49
N VAL A 52 3.32 -7.37 1.77
CA VAL A 52 4.26 -6.26 1.73
C VAL A 52 3.90 -5.33 2.87
N PHE A 53 4.87 -5.02 3.74
CA PHE A 53 4.62 -4.31 5.00
C PHE A 53 5.68 -3.20 5.15
N LEU A 54 5.25 -1.95 5.06
CA LEU A 54 6.16 -0.81 5.11
C LEU A 54 5.95 -0.09 6.44
N GLY A 55 7.02 0.01 7.22
CA GLY A 55 6.92 0.38 8.63
C GLY A 55 7.76 1.59 9.00
N CYS A 56 7.22 2.39 9.91
CA CYS A 56 7.93 3.54 10.43
C CYS A 56 7.18 3.88 11.72
N PHE A 57 7.72 3.44 12.85
CA PHE A 57 7.07 3.58 14.15
CA PHE A 57 7.12 3.57 14.16
C PHE A 57 6.59 4.99 14.40
N GLU A 58 5.27 5.13 14.50
CA GLU A 58 4.60 6.39 14.81
C GLU A 58 4.98 7.52 13.85
N CYS A 59 5.40 7.20 12.61
CA CYS A 59 5.85 8.24 11.68
C CYS A 59 4.68 8.99 11.03
N ILE A 60 3.54 8.33 10.86
CA ILE A 60 2.38 8.95 10.24
C ILE A 60 1.44 9.39 11.35
N ASP A 61 1.38 10.68 11.62
CA ASP A 61 0.42 11.22 12.58
C ASP A 61 -0.79 11.68 11.79
N THR A 62 -1.99 11.18 12.15
CA THR A 62 -3.19 11.60 11.44
C THR A 62 -3.55 13.06 11.73
N ASP A 63 -2.81 13.75 12.58
CA ASP A 63 -3.05 15.19 12.67
C ASP A 63 -2.34 15.95 11.55
N THR A 64 -1.69 15.24 10.64
CA THR A 64 -0.93 15.80 9.53
C THR A 64 -1.35 15.15 8.21
N TYR A 65 -1.76 13.87 8.25
CA TYR A 65 -2.16 13.14 7.04
C TYR A 65 -3.44 12.35 7.27
N ASN A 66 -4.47 12.62 6.45
CA ASN A 66 -5.75 11.93 6.45
C ASN A 66 -5.78 10.57 5.74
N ASN A 67 -4.91 10.32 4.78
CA ASN A 67 -5.08 9.13 3.93
C ASN A 67 -3.76 8.43 3.67
N ILE A 68 -3.89 7.20 3.17
CA ILE A 68 -2.77 6.42 2.67
C ILE A 68 -3.16 6.01 1.27
N GLU A 69 -2.22 6.12 0.35
CA GLU A 69 -2.54 6.00 -1.06
C GLU A 69 -1.43 5.18 -1.69
N PHE A 70 -1.75 4.50 -2.80
CA PHE A 70 -0.77 3.78 -3.59
C PHE A 70 -1.36 3.51 -4.97
N ASP A 71 -0.48 3.35 -5.94
CA ASP A 71 -0.88 2.91 -7.27
C ASP A 71 -0.61 1.42 -7.33
N ILE A 72 -1.57 0.65 -7.83
CA ILE A 72 -1.38 -0.79 -7.96
C ILE A 72 -1.64 -1.19 -9.40
N ASN A 73 -0.88 -2.17 -9.88
CA ASN A 73 -1.08 -2.80 -11.19
C ASN A 73 -1.45 -4.25 -10.94
N GLY A 74 -2.59 -4.70 -11.49
CA GLY A 74 -3.05 -6.07 -11.31
C GLY A 74 -2.35 -7.11 -12.17
N GLY A 75 -1.40 -6.68 -13.00
CA GLY A 75 -0.60 -7.68 -13.67
C GLY A 75 -1.46 -8.43 -14.68
N SER A 76 -1.10 -9.72 -14.92
CA SER A 76 -1.74 -10.47 -15.99
C SER A 76 -3.21 -10.68 -15.72
N SER A 77 -3.56 -10.99 -14.47
CA SER A 77 -4.94 -11.37 -14.20
C SER A 77 -5.77 -10.23 -13.65
N GLY A 78 -5.18 -9.33 -12.86
CA GLY A 78 -5.99 -8.39 -12.08
C GLY A 78 -6.85 -9.18 -11.09
N ALA A 79 -7.75 -8.45 -10.43
CA ALA A 79 -8.79 -9.04 -9.58
C ALA A 79 -8.22 -9.85 -8.39
N GLN A 80 -6.99 -9.55 -7.95
CA GLN A 80 -6.41 -10.21 -6.78
C GLN A 80 -7.19 -9.89 -5.51
N LEU A 81 -7.29 -10.89 -4.64
CA LEU A 81 -7.92 -10.75 -3.34
C LEU A 81 -6.85 -10.32 -2.36
N LEU A 82 -6.90 -9.06 -1.92
CA LEU A 82 -5.88 -8.47 -1.05
C LEU A 82 -6.54 -7.68 0.07
N ARG A 83 -5.92 -7.71 1.25
CA ARG A 83 -6.37 -6.92 2.40
C ARG A 83 -5.35 -5.82 2.68
N ILE A 84 -5.83 -4.60 2.98
CA ILE A 84 -4.94 -3.47 3.22
C ILE A 84 -5.16 -3.20 4.71
N THR A 85 -4.08 -3.27 5.51
CA THR A 85 -4.17 -3.19 6.97
C THR A 85 -3.31 -2.05 7.50
N VAL A 86 -3.82 -1.34 8.50
CA VAL A 86 -3.09 -0.25 9.16
C VAL A 86 -2.67 -0.74 10.53
N VAL A 87 -1.46 -0.37 10.96
CA VAL A 87 -0.87 -0.81 12.21
C VAL A 87 -0.70 0.41 13.11
N LYS A 88 -1.16 0.29 14.36
CA LYS A 88 -1.05 1.34 15.37
C LYS A 88 -0.72 0.67 16.70
N ASN A 89 0.22 1.24 17.45
CA ASN A 89 0.62 0.66 18.74
C ASN A 89 1.12 -0.78 18.54
N SER A 90 1.83 -1.00 17.45
CA SER A 90 2.46 -2.29 17.11
C SER A 90 1.44 -3.41 16.87
N LYS A 91 0.17 -3.09 16.63
CA LYS A 91 -0.82 -4.11 16.29
C LYS A 91 -1.65 -3.66 15.10
N SER A 92 -2.13 -4.62 14.29
CA SER A 92 -3.07 -4.30 13.23
C SER A 92 -4.37 -3.82 13.89
N VAL A 93 -4.88 -2.68 13.46
CA VAL A 93 -6.05 -2.08 14.10
C VAL A 93 -7.19 -1.83 13.12
N GLY A 94 -7.05 -2.23 11.87
CA GLY A 94 -8.06 -1.93 10.87
C GLY A 94 -7.63 -2.49 9.54
N SER A 95 -8.58 -3.09 8.81
CA SER A 95 -8.29 -3.65 7.49
C SER A 95 -9.42 -3.35 6.52
N LYS A 96 -9.07 -3.31 5.24
CA LYS A 96 -10.06 -3.08 4.20
C LYS A 96 -9.71 -3.96 3.01
N LEU A 97 -10.73 -4.43 2.28
CA LEU A 97 -10.49 -5.17 1.03
C LEU A 97 -10.08 -4.21 -0.07
N ILE A 98 -9.09 -4.61 -0.90
CA ILE A 98 -8.65 -3.71 -1.98
C ILE A 98 -9.80 -3.44 -2.95
N THR A 99 -10.62 -4.46 -3.22
CA THR A 99 -11.77 -4.28 -4.12
C THR A 99 -12.75 -3.26 -3.55
N ASP A 100 -12.96 -3.33 -2.23
CA ASP A 100 -13.77 -2.34 -1.53
C ASP A 100 -13.19 -0.95 -1.70
N LEU A 101 -11.89 -0.81 -1.41
CA LEU A 101 -11.22 0.48 -1.55
C LEU A 101 -11.30 1.02 -2.99
N ASN A 102 -11.40 0.13 -3.98
CA ASN A 102 -11.50 0.47 -5.40
C ASN A 102 -12.95 0.69 -5.85
N GLY A 103 -13.85 1.00 -4.90
CA GLY A 103 -15.25 1.24 -5.23
C GLY A 103 -16.04 0.02 -5.62
N GLY A 104 -15.61 -1.17 -5.16
CA GLY A 104 -16.30 -2.40 -5.54
C GLY A 104 -15.85 -3.00 -6.86
N THR A 105 -14.87 -2.42 -7.53
CA THR A 105 -14.39 -3.05 -8.74
C THR A 105 -13.10 -3.80 -8.46
N PRO A 106 -12.95 -5.03 -8.96
CA PRO A 106 -11.65 -5.69 -8.83
C PRO A 106 -10.57 -4.92 -9.60
N ILE A 107 -9.34 -4.92 -9.08
CA ILE A 107 -8.31 -4.09 -9.70
C ILE A 107 -8.05 -4.61 -11.11
N GLU A 108 -7.91 -3.68 -12.06
CA GLU A 108 -7.81 -4.04 -13.47
C GLU A 108 -6.46 -4.71 -13.72
N ALA A 109 -6.45 -5.68 -14.61
CA ALA A 109 -5.21 -6.26 -15.11
C ALA A 109 -4.41 -5.26 -15.94
N ASN A 110 -3.08 -5.42 -15.93
CA ASN A 110 -2.20 -4.80 -16.94
C ASN A 110 -2.38 -3.28 -17.00
N SER A 111 -2.60 -2.67 -15.84
CA SER A 111 -2.71 -1.21 -15.82
C SER A 111 -2.77 -0.71 -14.39
N TRP A 112 -2.48 0.57 -14.23
CA TRP A 112 -2.21 1.16 -12.92
C TRP A 112 -3.48 1.80 -12.37
N THR A 113 -3.81 1.48 -11.12
CA THR A 113 -5.01 1.96 -10.45
C THR A 113 -4.61 2.68 -9.16
N LYS A 114 -5.13 3.90 -8.99
CA LYS A 114 -4.97 4.65 -7.74
C LYS A 114 -5.85 4.05 -6.64
N ILE A 115 -5.28 3.78 -5.48
CA ILE A 115 -5.99 3.26 -4.32
C ILE A 115 -5.83 4.28 -3.20
N LYS A 116 -6.94 4.77 -2.69
CA LYS A 116 -7.00 5.77 -1.63
C LYS A 116 -7.76 5.16 -0.46
N ALA A 117 -7.20 5.24 0.75
CA ALA A 117 -7.96 4.85 1.94
C ALA A 117 -7.84 5.94 2.98
N SER A 118 -8.97 6.29 3.60
CA SER A 118 -9.00 7.31 4.65
C SER A 118 -8.80 6.64 6.01
N PHE A 119 -7.89 7.19 6.82
CA PHE A 119 -7.66 6.61 8.14
C PHE A 119 -8.95 6.58 8.98
N ILE A 120 -9.63 7.73 9.10
CA ILE A 120 -10.83 7.74 9.93
C ILE A 120 -12.02 7.13 9.21
N ASP A 121 -12.14 7.39 7.90
CA ASP A 121 -13.32 6.95 7.17
C ASP A 121 -13.29 5.47 6.88
N ASP A 122 -12.13 4.95 6.48
CA ASP A 122 -12.02 3.56 6.04
C ASP A 122 -11.55 2.62 7.14
N PHE A 123 -10.58 3.04 7.95
CA PHE A 123 -10.06 2.20 9.02
C PHE A 123 -10.55 2.57 10.41
N LYS A 124 -11.24 3.71 10.56
CA LYS A 124 -11.69 4.16 11.87
C LYS A 124 -10.51 4.32 12.83
N VAL A 125 -9.37 4.75 12.28
CA VAL A 125 -8.12 4.83 13.02
C VAL A 125 -7.70 6.29 13.06
N SER A 126 -7.19 6.74 14.21
CA SER A 126 -6.64 8.08 14.35
C SER A 126 -5.42 8.02 15.26
N GLY A 127 -4.69 9.13 15.33
CA GLY A 127 -3.46 9.18 16.11
C GLY A 127 -2.23 8.80 15.29
N LYS A 128 -1.31 8.07 15.88
CA LYS A 128 -0.06 7.76 15.21
C LYS A 128 -0.09 6.34 14.68
N VAL A 129 0.21 6.22 13.39
CA VAL A 129 0.19 4.96 12.65
C VAL A 129 1.62 4.52 12.43
N ASP A 130 1.88 3.22 12.65
CA ASP A 130 3.22 2.63 12.55
C ASP A 130 3.52 2.02 11.18
N GLY A 131 2.51 1.73 10.38
CA GLY A 131 2.80 1.17 9.06
C GLY A 131 1.53 0.71 8.41
N ILE A 132 1.68 0.21 7.18
CA ILE A 132 0.60 -0.28 6.33
C ILE A 132 1.06 -1.57 5.69
N TRP A 133 0.16 -2.55 5.56
CA TRP A 133 0.53 -3.71 4.76
C TRP A 133 -0.58 -4.10 3.78
N ILE A 134 -0.15 -4.75 2.69
CA ILE A 134 -1.00 -5.25 1.59
C ILE A 134 -0.85 -6.76 1.64
N GLN A 135 -1.89 -7.50 2.01
CA GLN A 135 -1.72 -8.91 2.33
C GLN A 135 -2.55 -9.78 1.40
N ASP A 136 -1.99 -10.94 1.03
CA ASP A 136 -2.74 -11.98 0.34
C ASP A 136 -3.77 -12.58 1.29
N ILE A 137 -5.02 -12.72 0.83
CA ILE A 137 -6.03 -13.36 1.64
C ILE A 137 -6.55 -14.64 1.02
N LYS A 138 -5.95 -15.09 -0.10
CA LYS A 138 -6.38 -16.28 -0.82
C LYS A 138 -5.57 -17.54 -0.47
N GLY A 139 -4.34 -17.39 0.02
CA GLY A 139 -3.51 -18.55 0.33
C GLY A 139 -3.00 -19.17 -0.96
N ASP A 140 -3.92 -19.71 -1.75
CA ASP A 140 -3.63 -20.15 -3.11
C ASP A 140 -2.94 -19.02 -3.88
N THR A 141 -2.00 -19.38 -4.79
CA THR A 141 -1.14 -18.38 -5.40
C THR A 141 -1.92 -17.50 -6.38
N GLN A 142 -1.69 -16.18 -6.31
CA GLN A 142 -2.31 -15.20 -7.19
C GLN A 142 -1.25 -14.61 -8.09
N SER A 143 -1.67 -14.10 -9.25
CA SER A 143 -0.74 -13.49 -10.19
C SER A 143 -0.10 -12.24 -9.58
N THR A 144 1.16 -11.98 -9.96
CA THR A 144 1.97 -10.93 -9.35
C THR A 144 1.35 -9.54 -9.52
N VAL A 145 1.30 -8.76 -8.43
CA VAL A 145 0.85 -7.36 -8.49
C VAL A 145 2.08 -6.45 -8.36
N TYR A 146 1.91 -5.20 -8.81
CA TYR A 146 2.97 -4.20 -8.79
C TYR A 146 2.46 -2.99 -8.02
N ILE A 147 3.30 -2.43 -7.14
CA ILE A 147 2.89 -1.33 -6.26
C ILE A 147 3.90 -0.19 -6.39
N SER A 148 3.38 1.04 -6.45
CA SER A 148 4.19 2.19 -6.80
C SER A 148 3.55 3.43 -6.19
N ASN A 149 4.36 4.46 -5.94
CA ASN A 149 3.82 5.75 -5.52
C ASN A 149 3.04 5.64 -4.21
N ILE A 150 3.65 5.02 -3.19
CA ILE A 150 3.02 4.90 -1.88
C ILE A 150 3.23 6.23 -1.17
N ILE A 151 2.15 6.83 -0.66
CA ILE A 151 2.27 8.18 -0.12
C ILE A 151 1.17 8.41 0.93
N ALA A 152 1.53 9.11 2.00
CA ALA A 152 0.57 9.60 2.99
C ALA A 152 0.18 11.02 2.63
N THR A 153 -1.04 11.39 2.95
N THR A 153 -1.12 11.32 2.68
CA THR A 153 -1.44 12.66 2.38
CA THR A 153 -1.66 12.59 2.21
C THR A 153 -2.68 13.23 3.06
C THR A 153 -2.65 13.22 3.22
N ALA A 154 -2.69 14.55 3.20
CA ALA A 154 -3.76 15.28 3.86
C ALA A 154 -5.03 15.37 2.97
I IOD B . -13.03 -9.14 -2.91
I IOD C . 14.28 -6.07 -2.10
I IOD D . -7.47 -5.61 11.76
I IOD E . 5.42 -16.25 0.79
I IOD F . -2.17 8.09 19.47
I IOD G . -1.69 -21.60 1.76
I IOD H . -11.06 -6.97 5.52
#